data_3LET
#
_entry.id   3LET
#
_cell.length_a   66.669
_cell.length_b   62.325
_cell.length_c   75.762
_cell.angle_alpha   90.00
_cell.angle_beta   91.31
_cell.angle_gamma   90.00
#
_symmetry.space_group_name_H-M   'P 1 21 1'
#
loop_
_entity.id
_entity.type
_entity.pdbx_description
1 polymer 'Adenosine monophosphate-protein transferase vopS'
2 water water
#
_entity_poly.entity_id   1
_entity_poly.type   'polypeptide(L)'
_entity_poly.pdbx_seq_one_letter_code
;GAITKAVFDNEQGQAQRLQTSSSVEHGQMLFKDANLKTPSDVLNAFAKLDSKMVKSHAAELSQLAERAMTEVMLETDSGK
NLKALIGDDAVKSLAVRVVKDYGGGVAAAQKNPEVRINQMQAVFDMEVMHLKAAQRHIEGLASTDLNQGVYAEGLPEDAF
NKAGVTNNVERAAAWIINASNSKGNDAENITSLLKEYATNGKDLLNMDNLKELHARLVPNVERDYRGPNISGGTLPSSIG
GEGMLKQHIEGFLKENPVADKDLGKHLFAGVIGYHGFTDGNGRMGRMLYAIAELRNDSFNPLAMNAENSLHGIK
;
_entity_poly.pdbx_strand_id   A,B
#
# COMPACT_ATOMS: atom_id res chain seq x y z
N GLY A 13 15.65 -23.73 -32.24
CA GLY A 13 15.86 -24.56 -31.07
C GLY A 13 15.67 -23.78 -29.77
N GLN A 14 15.65 -24.48 -28.65
CA GLN A 14 15.49 -23.82 -27.35
C GLN A 14 16.53 -22.72 -27.12
N ALA A 15 17.79 -22.98 -27.47
CA ALA A 15 18.87 -22.01 -27.26
C ALA A 15 18.61 -20.73 -28.03
N GLN A 16 18.13 -20.86 -29.26
CA GLN A 16 17.73 -19.70 -30.05
C GLN A 16 16.57 -18.96 -29.35
N ARG A 17 15.55 -19.71 -28.92
CA ARG A 17 14.35 -19.08 -28.36
C ARG A 17 14.66 -18.33 -27.08
N LEU A 18 15.63 -18.81 -26.31
CA LEU A 18 15.99 -18.16 -25.05
C LEU A 18 16.65 -16.80 -25.23
N GLN A 19 17.20 -16.56 -26.42
CA GLN A 19 17.88 -15.30 -26.68
C GLN A 19 16.94 -14.22 -27.23
N THR A 20 15.68 -14.56 -27.47
CA THR A 20 14.70 -13.56 -27.91
C THR A 20 14.68 -12.42 -26.91
N SER A 21 14.08 -11.30 -27.29
CA SER A 21 14.15 -10.14 -26.43
C SER A 21 13.13 -10.21 -25.29
N SER A 22 12.09 -11.03 -25.44
CA SER A 22 11.09 -11.15 -24.38
C SER A 22 10.31 -12.45 -24.49
N SER A 23 9.43 -12.68 -23.52
CA SER A 23 8.65 -13.91 -23.49
C SER A 23 7.68 -13.98 -24.68
N VAL A 24 7.32 -12.83 -25.22
CA VAL A 24 6.36 -12.82 -26.32
C VAL A 24 6.95 -13.50 -27.56
N GLU A 25 8.14 -13.09 -27.97
CA GLU A 25 8.78 -13.72 -29.13
C GLU A 25 9.12 -15.17 -28.84
N HIS A 26 9.60 -15.45 -27.63
CA HIS A 26 9.89 -16.83 -27.20
C HIS A 26 8.64 -17.74 -27.30
N GLY A 27 7.53 -17.29 -26.75
CA GLY A 27 6.28 -18.01 -26.84
C GLY A 27 5.84 -18.15 -28.29
N GLN A 28 5.90 -17.06 -29.05
CA GLN A 28 5.52 -17.10 -30.47
C GLN A 28 6.27 -18.23 -31.16
N MET A 29 7.55 -18.36 -30.85
CA MET A 29 8.39 -19.37 -31.49
C MET A 29 8.06 -20.78 -30.99
N LEU A 30 7.92 -20.94 -29.67
CA LEU A 30 7.72 -22.28 -29.10
C LEU A 30 6.33 -22.79 -29.38
N PHE A 31 5.34 -21.90 -29.36
CA PHE A 31 3.96 -22.27 -29.51
C PHE A 31 3.51 -22.15 -30.97
N LYS A 32 4.42 -21.69 -31.82
CA LYS A 32 4.12 -21.50 -33.24
C LYS A 32 2.86 -20.67 -33.38
N ASP A 33 2.83 -19.52 -32.73
CA ASP A 33 1.66 -18.66 -32.75
C ASP A 33 2.06 -17.20 -32.79
N ALA A 34 1.98 -16.61 -33.97
CA ALA A 34 2.40 -15.24 -34.19
C ALA A 34 1.37 -14.26 -33.65
N ASN A 35 0.22 -14.76 -33.21
CA ASN A 35 -0.82 -13.93 -32.62
C ASN A 35 -0.63 -13.69 -31.14
N LEU A 36 0.42 -14.27 -30.57
CA LEU A 36 0.77 -14.02 -29.19
C LEU A 36 1.49 -12.68 -29.18
N LYS A 37 0.93 -11.68 -28.51
CA LYS A 37 1.46 -10.33 -28.58
C LYS A 37 1.88 -9.78 -27.23
N THR A 38 1.38 -10.39 -26.16
CA THR A 38 1.69 -9.89 -24.83
C THR A 38 2.10 -11.06 -23.95
N PRO A 39 2.76 -10.77 -22.83
CA PRO A 39 3.14 -11.82 -21.89
C PRO A 39 1.90 -12.50 -21.29
N SER A 40 0.81 -11.73 -21.11
CA SER A 40 -0.45 -12.37 -20.68
C SER A 40 -0.92 -13.40 -21.72
N ASP A 41 -0.84 -13.05 -23.00
CA ASP A 41 -1.22 -13.99 -24.08
C ASP A 41 -0.39 -15.27 -24.00
N VAL A 42 0.91 -15.12 -23.73
CA VAL A 42 1.80 -16.29 -23.58
C VAL A 42 1.36 -17.16 -22.41
N LEU A 43 1.08 -16.56 -21.25
CA LEU A 43 0.63 -17.35 -20.10
C LEU A 43 -0.70 -18.03 -20.39
N ASN A 44 -1.58 -17.32 -21.07
CA ASN A 44 -2.92 -17.87 -21.39
C ASN A 44 -2.82 -19.10 -22.32
N ALA A 45 -1.73 -19.18 -23.06
CA ALA A 45 -1.49 -20.32 -23.97
C ALA A 45 -1.13 -21.61 -23.23
N PHE A 46 -0.64 -21.51 -22.00
CA PHE A 46 -0.18 -22.70 -21.28
C PHE A 46 -1.30 -23.73 -21.08
N ALA A 47 -2.52 -23.24 -20.83
CA ALA A 47 -3.67 -24.14 -20.58
C ALA A 47 -3.96 -24.98 -21.81
N LYS A 48 -3.54 -24.47 -22.95
CA LYS A 48 -3.86 -25.08 -24.23
C LYS A 48 -2.87 -26.17 -24.66
N LEU A 49 -1.81 -26.36 -23.88
CA LEU A 49 -0.76 -27.29 -24.27
C LEU A 49 -1.19 -28.70 -23.98
N ASP A 50 -0.88 -29.61 -24.88
CA ASP A 50 -1.26 -31.00 -24.66
C ASP A 50 -0.30 -31.61 -23.64
N SER A 51 -0.74 -32.65 -22.93
CA SER A 51 0.03 -33.15 -21.77
C SER A 51 1.40 -33.68 -22.15
N LYS A 52 1.53 -34.23 -23.34
CA LYS A 52 2.79 -34.87 -23.70
C LYS A 52 3.82 -33.78 -23.97
N MET A 53 3.35 -32.72 -24.60
CA MET A 53 4.18 -31.57 -24.93
C MET A 53 4.70 -30.94 -23.64
N VAL A 54 3.81 -30.77 -22.67
CA VAL A 54 4.21 -30.23 -21.37
C VAL A 54 5.28 -31.07 -20.70
N LYS A 55 5.19 -32.39 -20.79
CA LYS A 55 6.24 -33.24 -20.23
C LYS A 55 7.54 -33.17 -21.03
N SER A 56 7.46 -33.20 -22.34
CA SER A 56 8.68 -33.31 -23.14
C SER A 56 9.44 -31.99 -23.13
N HIS A 57 8.72 -30.89 -22.87
CA HIS A 57 9.37 -29.58 -22.85
C HIS A 57 9.37 -28.92 -21.46
N ALA A 58 9.29 -29.71 -20.40
CA ALA A 58 9.07 -29.16 -19.05
C ALA A 58 10.08 -28.08 -18.70
N ALA A 59 11.36 -28.32 -18.99
CA ALA A 59 12.44 -27.40 -18.61
C ALA A 59 12.26 -26.04 -19.26
N GLU A 60 12.12 -26.03 -20.58
CA GLU A 60 11.90 -24.78 -21.28
C GLU A 60 10.60 -24.09 -20.85
N LEU A 61 9.56 -24.88 -20.63
CA LEU A 61 8.29 -24.28 -20.22
C LEU A 61 8.40 -23.59 -18.88
N SER A 62 9.21 -24.15 -17.98
CA SER A 62 9.45 -23.49 -16.71
C SER A 62 10.14 -22.14 -16.92
N GLN A 63 11.14 -22.09 -17.78
CA GLN A 63 11.84 -20.84 -18.10
C GLN A 63 10.87 -19.81 -18.67
N LEU A 64 10.09 -20.23 -19.65
CA LEU A 64 9.18 -19.34 -20.34
C LEU A 64 8.08 -18.84 -19.40
N ALA A 65 7.56 -19.71 -18.54
CA ALA A 65 6.55 -19.25 -17.58
C ALA A 65 7.13 -18.18 -16.67
N GLU A 66 8.35 -18.43 -16.20
CA GLU A 66 9.00 -17.48 -15.32
C GLU A 66 9.22 -16.15 -16.06
N ARG A 67 9.73 -16.19 -17.27
CA ARG A 67 9.93 -14.95 -18.04
C ARG A 67 8.62 -14.17 -18.21
N ALA A 68 7.54 -14.89 -18.56
CA ALA A 68 6.28 -14.20 -18.89
C ALA A 68 5.64 -13.64 -17.60
N MET A 69 5.68 -14.43 -16.54
CA MET A 69 5.20 -13.92 -15.23
C MET A 69 5.96 -12.70 -14.76
N THR A 70 7.27 -12.73 -14.94
CA THR A 70 8.11 -11.60 -14.54
C THR A 70 7.71 -10.35 -15.31
N GLU A 71 7.59 -10.48 -16.62
CA GLU A 71 7.19 -9.36 -17.48
C GLU A 71 5.82 -8.82 -17.08
N VAL A 72 4.85 -9.70 -16.84
CA VAL A 72 3.54 -9.23 -16.41
C VAL A 72 3.71 -8.45 -15.10
N MET A 73 4.47 -9.01 -14.18
CA MET A 73 4.57 -8.40 -12.85
C MET A 73 5.22 -7.01 -12.92
N LEU A 74 6.20 -6.85 -13.79
CA LEU A 74 6.87 -5.54 -13.89
C LEU A 74 5.93 -4.45 -14.44
N GLU A 75 4.87 -4.84 -15.16
CA GLU A 75 3.95 -3.84 -15.67
C GLU A 75 2.74 -3.59 -14.76
N THR A 76 2.61 -4.32 -13.65
CA THR A 76 1.47 -4.07 -12.73
C THR A 76 1.67 -2.74 -12.02
N ASP A 77 0.61 -2.20 -11.44
CA ASP A 77 0.72 -0.98 -10.68
C ASP A 77 1.79 -1.13 -9.58
N SER A 78 1.75 -2.22 -8.81
CA SER A 78 2.75 -2.37 -7.73
C SER A 78 4.16 -2.55 -8.30
N GLY A 79 4.28 -3.20 -9.45
CA GLY A 79 5.59 -3.34 -10.06
C GLY A 79 6.15 -1.99 -10.46
N LYS A 80 5.29 -1.11 -11.00
CA LYS A 80 5.74 0.25 -11.30
C LYS A 80 6.05 1.06 -10.04
N ASN A 81 5.29 0.84 -8.98
CA ASN A 81 5.56 1.52 -7.70
C ASN A 81 6.96 1.14 -7.19
N LEU A 82 7.32 -0.14 -7.32
CA LEU A 82 8.64 -0.58 -6.87
C LEU A 82 9.70 -0.03 -7.79
N LYS A 83 9.42 -0.01 -9.08
CA LYS A 83 10.36 0.58 -10.01
C LYS A 83 10.68 2.02 -9.59
N ALA A 84 9.63 2.76 -9.23
CA ALA A 84 9.82 4.17 -8.84
C ALA A 84 10.71 4.27 -7.60
N LEU A 85 10.66 3.26 -6.74
CA LEU A 85 11.40 3.30 -5.49
C LEU A 85 12.85 2.82 -5.60
N ILE A 86 13.08 1.69 -6.29
CA ILE A 86 14.39 1.03 -6.23
C ILE A 86 15.03 0.85 -7.62
N GLY A 87 14.32 1.26 -8.66
CA GLY A 87 14.83 1.25 -10.02
C GLY A 87 14.70 -0.06 -10.76
N ASP A 88 14.96 -0.03 -12.07
CA ASP A 88 14.72 -1.18 -12.96
C ASP A 88 15.47 -2.46 -12.63
N ASP A 89 16.77 -2.34 -12.40
CA ASP A 89 17.56 -3.55 -12.13
C ASP A 89 17.08 -4.23 -10.86
N ALA A 90 16.85 -3.44 -9.81
CA ALA A 90 16.50 -4.03 -8.53
C ALA A 90 15.09 -4.62 -8.61
N VAL A 91 14.17 -3.93 -9.25
CA VAL A 91 12.80 -4.44 -9.28
C VAL A 91 12.74 -5.71 -10.13
N LYS A 92 13.53 -5.76 -11.20
CA LYS A 92 13.59 -6.98 -11.99
C LYS A 92 14.12 -8.14 -11.16
N SER A 93 15.16 -7.91 -10.35
CA SER A 93 15.76 -9.00 -9.57
C SER A 93 14.73 -9.52 -8.59
N LEU A 94 14.01 -8.58 -7.98
CA LEU A 94 13.02 -8.91 -6.97
C LEU A 94 11.87 -9.68 -7.63
N ALA A 95 11.44 -9.19 -8.77
CA ALA A 95 10.30 -9.77 -9.46
C ALA A 95 10.59 -11.26 -9.78
N VAL A 96 11.80 -11.53 -10.26
CA VAL A 96 12.20 -12.91 -10.56
C VAL A 96 12.12 -13.81 -9.35
N ARG A 97 12.58 -13.32 -8.19
CA ARG A 97 12.56 -14.15 -6.97
C ARG A 97 11.15 -14.39 -6.43
N VAL A 98 10.28 -13.37 -6.54
CA VAL A 98 8.90 -13.51 -6.10
C VAL A 98 8.19 -14.51 -7.01
N VAL A 99 8.45 -14.41 -8.31
CA VAL A 99 7.85 -15.36 -9.28
C VAL A 99 8.30 -16.78 -9.00
N LYS A 100 9.58 -16.94 -8.69
CA LYS A 100 10.09 -18.27 -8.35
C LYS A 100 9.40 -18.79 -7.11
N ASP A 101 9.11 -17.91 -6.15
CA ASP A 101 8.59 -18.36 -4.85
C ASP A 101 7.10 -18.52 -4.85
N TYR A 102 6.39 -17.69 -5.62
CA TYR A 102 4.93 -17.61 -5.54
C TYR A 102 4.24 -17.91 -6.85
N GLY A 103 4.99 -17.96 -7.94
CA GLY A 103 4.44 -18.07 -9.29
C GLY A 103 3.82 -19.44 -9.59
N GLY A 104 4.32 -20.48 -8.96
CA GLY A 104 3.75 -21.82 -9.10
C GLY A 104 4.17 -22.59 -10.34
N GLY A 105 5.16 -22.10 -11.06
CA GLY A 105 5.73 -22.84 -12.19
C GLY A 105 4.78 -23.17 -13.33
N VAL A 106 5.11 -24.21 -14.08
CA VAL A 106 4.34 -24.54 -15.26
C VAL A 106 2.91 -24.92 -14.87
N ALA A 107 2.77 -25.68 -13.79
CA ALA A 107 1.46 -26.20 -13.41
C ALA A 107 0.48 -25.07 -13.10
N ALA A 108 0.91 -24.06 -12.38
CA ALA A 108 0.05 -22.91 -12.12
C ALA A 108 -0.18 -22.09 -13.38
N ALA A 109 0.79 -22.00 -14.27
CA ALA A 109 0.58 -21.27 -15.52
C ALA A 109 -0.53 -21.94 -16.34
N GLN A 110 -0.62 -23.26 -16.26
CA GLN A 110 -1.63 -24.01 -16.98
C GLN A 110 -3.00 -23.80 -16.35
N LYS A 111 -3.02 -23.84 -15.02
CA LYS A 111 -4.26 -23.97 -14.26
C LYS A 111 -4.90 -22.65 -13.82
N ASN A 112 -4.11 -21.70 -13.32
CA ASN A 112 -4.70 -20.47 -12.82
C ASN A 112 -3.73 -19.31 -12.75
N PRO A 113 -3.20 -18.88 -13.91
CA PRO A 113 -2.15 -17.85 -13.79
C PRO A 113 -2.66 -16.55 -13.16
N GLU A 114 -3.92 -16.19 -13.40
CA GLU A 114 -4.43 -14.91 -12.89
C GLU A 114 -4.46 -14.90 -11.37
N VAL A 115 -4.77 -16.03 -10.77
CA VAL A 115 -4.71 -16.16 -9.31
C VAL A 115 -3.29 -15.86 -8.83
N ARG A 116 -2.30 -16.43 -9.50
CA ARG A 116 -0.89 -16.22 -9.12
C ARG A 116 -0.50 -14.77 -9.31
N ILE A 117 -0.92 -14.14 -10.41
CA ILE A 117 -0.52 -12.77 -10.67
C ILE A 117 -1.14 -11.84 -9.63
N ASN A 118 -2.37 -12.14 -9.25
CA ASN A 118 -3.03 -11.37 -8.20
C ASN A 118 -2.36 -11.53 -6.86
N GLN A 119 -1.99 -12.76 -6.51
CA GLN A 119 -1.30 -13.00 -5.25
C GLN A 119 0.04 -12.29 -5.21
N MET A 120 0.76 -12.30 -6.33
CA MET A 120 2.06 -11.64 -6.37
C MET A 120 1.94 -10.10 -6.33
N GLN A 121 0.84 -9.56 -6.83
CA GLN A 121 0.64 -8.12 -6.66
C GLN A 121 0.44 -7.79 -5.19
N ALA A 122 -0.21 -8.67 -4.44
CA ALA A 122 -0.32 -8.41 -3.00
C ALA A 122 1.06 -8.50 -2.32
N VAL A 123 1.91 -9.43 -2.76
CA VAL A 123 3.26 -9.52 -2.20
C VAL A 123 4.02 -8.22 -2.49
N PHE A 124 3.96 -7.74 -3.73
CA PHE A 124 4.62 -6.48 -4.11
C PHE A 124 4.06 -5.30 -3.32
N ASP A 125 2.73 -5.25 -3.15
CA ASP A 125 2.10 -4.13 -2.41
C ASP A 125 2.64 -4.09 -0.98
N MET A 126 2.83 -5.26 -0.37
CA MET A 126 3.35 -5.34 1.01
C MET A 126 4.77 -4.81 1.02
N GLU A 127 5.54 -5.19 0.03
CA GLU A 127 6.93 -4.73 -0.02
C GLU A 127 6.94 -3.21 -0.18
N VAL A 128 6.14 -2.69 -1.10
CA VAL A 128 6.07 -1.24 -1.30
C VAL A 128 5.71 -0.53 0.01
N MET A 129 4.70 -1.03 0.72
CA MET A 129 4.31 -0.43 1.99
C MET A 129 5.51 -0.32 2.95
N HIS A 130 6.31 -1.38 3.00
CA HIS A 130 7.37 -1.47 4.01
C HIS A 130 8.53 -0.57 3.65
N LEU A 131 8.84 -0.48 2.36
CA LEU A 131 9.92 0.42 1.94
C LEU A 131 9.47 1.84 2.22
N LYS A 132 8.21 2.13 1.94
CA LYS A 132 7.76 3.51 2.10
C LYS A 132 7.69 3.89 3.57
N ALA A 133 7.42 2.92 4.44
CA ALA A 133 7.35 3.23 5.87
C ALA A 133 8.76 3.64 6.33
N ALA A 134 9.78 2.94 5.86
CA ALA A 134 11.16 3.29 6.27
C ALA A 134 11.51 4.63 5.67
N GLN A 135 11.10 4.85 4.42
CA GLN A 135 11.43 6.05 3.70
C GLN A 135 10.84 7.30 4.39
N ARG A 136 9.60 7.22 4.83
CA ARG A 136 9.00 8.38 5.54
C ARG A 136 9.92 8.78 6.71
N HIS A 137 10.40 7.79 7.46
CA HIS A 137 11.22 8.10 8.62
C HIS A 137 12.59 8.66 8.20
N ILE A 138 13.24 7.97 7.28
CA ILE A 138 14.61 8.30 6.91
C ILE A 138 14.71 9.62 6.15
N GLU A 139 13.87 9.82 5.13
CA GLU A 139 13.88 11.08 4.40
C GLU A 139 13.32 12.23 5.26
N GLY A 140 12.51 11.88 6.26
CA GLY A 140 12.06 12.85 7.25
C GLY A 140 13.19 13.53 8.03
N LEU A 141 14.37 12.90 8.11
CA LEU A 141 15.48 13.47 8.88
C LEU A 141 16.01 14.74 8.19
N ALA A 142 15.86 14.79 6.88
CA ALA A 142 16.29 15.96 6.12
C ALA A 142 15.54 17.23 6.54
N SER A 143 14.44 17.08 7.27
CA SER A 143 13.65 18.22 7.77
C SER A 143 13.58 18.29 9.27
N THR A 144 14.52 17.65 9.95
CA THR A 144 14.54 17.67 11.41
C THR A 144 15.83 18.35 11.83
N ASP A 145 15.86 19.00 13.00
CA ASP A 145 17.11 19.57 13.52
C ASP A 145 17.95 18.46 14.16
N LEU A 146 19.00 18.04 13.46
CA LEU A 146 19.83 16.95 13.92
C LEU A 146 20.94 17.44 14.85
N ASN A 147 20.83 18.67 15.35
CA ASN A 147 21.85 19.18 16.26
C ASN A 147 21.30 19.37 17.66
N GLN A 148 19.99 19.15 17.84
CA GLN A 148 19.38 19.35 19.15
C GLN A 148 18.80 18.04 19.70
N GLY A 149 18.50 18.02 20.99
CA GLY A 149 17.77 16.91 21.59
C GLY A 149 18.57 15.62 21.64
N VAL A 150 17.94 14.53 21.20
CA VAL A 150 18.58 13.22 21.12
C VAL A 150 19.51 13.13 19.94
N TYR A 151 19.05 13.65 18.79
CA TYR A 151 19.85 13.64 17.56
C TYR A 151 21.24 14.13 17.83
N ALA A 152 21.39 14.85 18.93
CA ALA A 152 22.68 15.40 19.31
C ALA A 152 23.32 14.61 20.40
N GLU A 153 22.51 13.95 21.23
CA GLU A 153 23.05 13.27 22.41
C GLU A 153 24.30 12.47 22.04
N GLY A 154 25.31 12.57 22.92
CA GLY A 154 26.62 11.94 22.73
C GLY A 154 26.91 10.85 23.76
N LEU A 155 28.06 10.22 23.62
CA LEU A 155 28.46 9.13 24.50
C LEU A 155 29.62 9.58 25.37
N PRO A 156 29.59 9.25 26.67
CA PRO A 156 30.75 9.51 27.52
C PRO A 156 31.98 8.79 26.96
N GLU A 157 33.14 9.46 26.93
CA GLU A 157 34.37 8.85 26.42
C GLU A 157 34.61 7.49 27.03
N ASP A 158 34.33 7.35 28.33
CA ASP A 158 34.76 6.16 29.06
C ASP A 158 33.98 4.91 28.67
N ALA A 159 32.82 5.12 28.06
CA ALA A 159 32.01 4.01 27.58
C ALA A 159 32.71 3.23 26.46
N PHE A 160 33.52 3.91 25.66
CA PHE A 160 34.17 3.26 24.50
C PHE A 160 35.67 3.54 24.38
N ASN A 161 36.16 4.53 25.10
CA ASN A 161 37.56 4.94 24.94
C ASN A 161 38.21 4.99 26.30
N LYS A 162 38.39 3.81 26.88
CA LYS A 162 38.97 3.72 28.21
C LYS A 162 40.40 4.21 28.16
N ALA A 163 41.14 3.75 27.14
CA ALA A 163 42.53 4.16 26.95
C ALA A 163 42.71 5.67 26.91
N GLY A 164 41.65 6.40 26.58
CA GLY A 164 41.71 7.86 26.57
C GLY A 164 42.48 8.48 25.42
N VAL A 165 42.56 7.83 24.26
CA VAL A 165 43.22 8.48 23.12
C VAL A 165 42.48 9.76 22.74
N THR A 166 43.22 10.74 22.18
CA THR A 166 42.66 12.01 21.80
C THR A 166 42.45 12.21 20.29
N ASN A 167 43.19 11.48 19.45
CA ASN A 167 43.15 11.67 18.00
C ASN A 167 41.78 11.16 17.47
N ASN A 168 41.16 11.88 16.54
CA ASN A 168 39.77 11.58 16.20
C ASN A 168 39.64 10.25 15.49
N VAL A 169 40.64 9.88 14.69
CA VAL A 169 40.57 8.61 13.98
C VAL A 169 40.63 7.46 14.98
N GLU A 170 41.46 7.57 16.02
CA GLU A 170 41.50 6.50 17.01
C GLU A 170 40.25 6.47 17.89
N ARG A 171 39.68 7.64 18.19
CA ARG A 171 38.45 7.70 18.95
C ARG A 171 37.29 7.05 18.16
N ALA A 172 37.23 7.34 16.86
CA ALA A 172 36.16 6.77 16.02
C ALA A 172 36.34 5.27 15.94
N ALA A 173 37.57 4.81 15.73
CA ALA A 173 37.83 3.35 15.72
C ALA A 173 37.38 2.69 17.00
N ALA A 174 37.73 3.27 18.15
CA ALA A 174 37.29 2.71 19.44
C ALA A 174 35.79 2.62 19.58
N TRP A 175 35.09 3.62 19.06
CA TRP A 175 33.64 3.70 19.14
C TRP A 175 33.05 2.56 18.32
N ILE A 176 33.53 2.41 17.09
CA ILE A 176 33.02 1.35 16.22
C ILE A 176 33.30 -0.03 16.84
N ILE A 177 34.55 -0.21 17.29
CA ILE A 177 35.01 -1.48 17.82
C ILE A 177 34.15 -1.86 19.01
N ASN A 178 33.87 -0.88 19.87
CA ASN A 178 33.08 -1.13 21.08
C ASN A 178 31.64 -1.48 20.79
N ALA A 179 31.07 -0.80 19.81
CA ALA A 179 29.69 -1.02 19.43
C ALA A 179 29.48 -2.42 18.80
N SER A 180 30.51 -2.94 18.13
CA SER A 180 30.44 -4.26 17.51
C SER A 180 31.00 -5.35 18.43
N ASN A 181 31.41 -4.97 19.64
CA ASN A 181 32.07 -5.92 20.54
C ASN A 181 33.19 -6.68 19.78
N SER A 182 33.95 -5.94 18.98
CA SER A 182 34.94 -6.52 18.11
C SER A 182 36.29 -6.70 18.80
N LYS A 183 36.99 -7.78 18.45
CA LYS A 183 38.19 -8.19 19.17
C LYS A 183 39.29 -8.55 18.21
N GLY A 184 40.51 -8.53 18.74
CA GLY A 184 41.66 -9.09 18.06
C GLY A 184 41.75 -8.64 16.63
N ASN A 185 41.94 -9.59 15.75
CA ASN A 185 42.15 -9.30 14.35
C ASN A 185 40.98 -8.55 13.68
N ASP A 186 39.76 -8.86 14.11
CA ASP A 186 38.56 -8.20 13.60
C ASP A 186 38.62 -6.70 13.94
N ALA A 187 39.02 -6.40 15.16
CA ALA A 187 39.11 -4.99 15.58
C ALA A 187 40.21 -4.26 14.83
N GLU A 188 41.34 -4.94 14.60
CA GLU A 188 42.39 -4.35 13.81
C GLU A 188 41.95 -4.03 12.38
N ASN A 189 41.10 -4.88 11.82
CA ASN A 189 40.59 -4.65 10.46
C ASN A 189 39.71 -3.40 10.43
N ILE A 190 38.84 -3.29 11.41
CA ILE A 190 37.99 -2.09 11.53
C ILE A 190 38.86 -0.82 11.56
N THR A 191 39.89 -0.84 12.40
CA THR A 191 40.81 0.31 12.48
C THR A 191 41.53 0.60 11.15
N SER A 192 42.07 -0.44 10.51
CA SER A 192 42.75 -0.23 9.22
C SER A 192 41.82 0.33 8.15
N LEU A 193 40.60 -0.22 8.08
CA LEU A 193 39.65 0.22 7.05
C LEU A 193 39.25 1.66 7.30
N LEU A 194 39.11 2.03 8.55
CA LEU A 194 38.68 3.39 8.86
C LEU A 194 39.78 4.38 8.41
N LYS A 195 41.02 4.07 8.73
CA LYS A 195 42.11 4.95 8.31
C LYS A 195 42.19 5.04 6.81
N GLU A 196 42.04 3.88 6.18
CA GLU A 196 42.07 3.81 4.72
C GLU A 196 40.98 4.68 4.05
N TYR A 197 39.73 4.53 4.46
CA TYR A 197 38.66 5.35 3.87
C TYR A 197 38.67 6.81 4.35
N ALA A 198 39.31 7.08 5.47
CA ALA A 198 39.41 8.47 5.89
C ALA A 198 40.26 9.26 4.89
N THR A 199 41.19 8.57 4.23
CA THR A 199 42.19 9.22 3.41
C THR A 199 42.14 8.87 1.93
N ASN A 200 41.27 7.94 1.51
CA ASN A 200 41.37 7.45 0.14
C ASN A 200 40.51 8.21 -0.86
N GLY A 201 39.79 9.22 -0.39
CA GLY A 201 38.88 9.96 -1.26
C GLY A 201 37.76 9.17 -1.94
N LYS A 202 37.43 7.97 -1.47
CA LYS A 202 36.40 7.22 -2.18
C LYS A 202 35.00 7.77 -1.92
N ASP A 203 34.21 7.89 -2.98
CA ASP A 203 32.86 8.40 -2.87
C ASP A 203 31.96 7.42 -2.11
N LEU A 204 31.37 7.88 -1.01
CA LEU A 204 30.47 7.06 -0.22
C LEU A 204 29.08 6.99 -0.82
N LEU A 205 28.74 7.94 -1.69
CA LEU A 205 27.39 8.00 -2.24
C LEU A 205 27.35 7.19 -3.52
N ASN A 206 27.71 5.93 -3.38
CA ASN A 206 27.93 5.06 -4.52
C ASN A 206 27.78 3.65 -3.99
N MET A 207 26.72 2.93 -4.39
CA MET A 207 26.41 1.65 -3.73
C MET A 207 27.49 0.62 -4.05
N ASP A 208 28.07 0.68 -5.24
CA ASP A 208 29.14 -0.25 -5.59
C ASP A 208 30.31 -0.07 -4.60
N ASN A 209 30.65 1.18 -4.34
CA ASN A 209 31.75 1.45 -3.39
C ASN A 209 31.40 0.93 -2.01
N LEU A 210 30.15 1.10 -1.60
CA LEU A 210 29.74 0.61 -0.28
C LEU A 210 29.78 -0.92 -0.22
N LYS A 211 29.42 -1.58 -1.32
CA LYS A 211 29.45 -3.06 -1.28
C LYS A 211 30.90 -3.53 -1.16
N GLU A 212 31.82 -2.82 -1.78
CA GLU A 212 33.24 -3.18 -1.69
C GLU A 212 33.76 -3.00 -0.26
N LEU A 213 33.40 -1.88 0.37
CA LEU A 213 33.79 -1.67 1.76
C LEU A 213 33.18 -2.75 2.64
N HIS A 214 31.88 -2.98 2.48
CA HIS A 214 31.18 -3.97 3.28
C HIS A 214 31.85 -5.35 3.19
N ALA A 215 32.25 -5.75 1.98
CA ALA A 215 32.88 -7.05 1.75
C ALA A 215 34.17 -7.22 2.55
N ARG A 216 34.92 -6.14 2.77
CA ARG A 216 36.15 -6.19 3.53
C ARG A 216 35.91 -6.01 5.02
N LEU A 217 34.83 -5.32 5.35
CA LEU A 217 34.53 -5.03 6.74
C LEU A 217 33.81 -6.20 7.44
N VAL A 218 33.00 -6.92 6.67
CA VAL A 218 32.15 -7.99 7.18
C VAL A 218 32.46 -9.24 6.36
N PRO A 219 33.68 -9.78 6.48
CA PRO A 219 33.95 -10.82 5.48
C PRO A 219 33.07 -12.07 5.65
N ASN A 220 32.84 -12.76 4.54
CA ASN A 220 32.02 -13.96 4.54
C ASN A 220 30.68 -13.81 5.28
N VAL A 221 30.14 -12.61 5.24
CA VAL A 221 28.73 -12.44 5.53
C VAL A 221 28.02 -13.38 4.56
N GLU A 222 26.86 -13.89 4.96
CA GLU A 222 26.06 -14.70 4.04
C GLU A 222 25.16 -13.77 3.23
N ARG A 223 25.02 -14.03 1.94
CA ARG A 223 24.34 -13.12 1.02
C ARG A 223 22.97 -13.60 0.57
N ASP A 224 22.39 -14.52 1.35
CA ASP A 224 21.14 -15.19 0.99
C ASP A 224 19.94 -14.24 0.81
N TYR A 225 19.11 -14.53 -0.18
CA TYR A 225 17.88 -13.76 -0.43
C TYR A 225 16.89 -13.84 0.73
N ARG A 226 16.39 -12.68 1.12
CA ARG A 226 15.25 -12.61 2.03
C ARG A 226 14.12 -11.92 1.28
N GLY A 227 12.96 -12.56 1.15
CA GLY A 227 11.85 -11.99 0.38
C GLY A 227 10.99 -11.03 1.20
N PRO A 228 10.01 -10.37 0.56
CA PRO A 228 9.06 -9.50 1.26
C PRO A 228 8.38 -10.20 2.43
N ASN A 229 8.12 -9.47 3.51
CA ASN A 229 7.46 -10.07 4.67
C ASN A 229 5.97 -9.84 4.50
N ILE A 230 5.21 -10.91 4.37
CA ILE A 230 3.76 -10.80 4.21
C ILE A 230 3.04 -11.41 5.41
N SER A 231 3.80 -11.59 6.48
CA SER A 231 3.34 -12.27 7.69
C SER A 231 3.06 -11.32 8.84
N GLY A 232 3.13 -10.02 8.60
CA GLY A 232 2.98 -9.05 9.69
C GLY A 232 4.26 -8.26 9.96
N GLY A 233 5.41 -8.84 9.65
CA GLY A 233 6.68 -8.15 9.82
C GLY A 233 6.80 -6.97 8.87
N THR A 234 7.74 -6.07 9.13
CA THR A 234 7.92 -4.90 8.27
C THR A 234 9.32 -4.85 7.63
N LEU A 235 10.16 -5.85 7.89
CA LEU A 235 11.52 -5.89 7.31
C LEU A 235 11.44 -5.89 5.79
N PRO A 236 12.15 -4.97 5.11
CA PRO A 236 12.29 -4.99 3.65
C PRO A 236 12.86 -6.32 3.17
N SER A 237 12.56 -6.74 1.94
CA SER A 237 13.26 -7.87 1.36
C SER A 237 14.72 -7.48 1.29
N SER A 238 15.60 -8.44 1.08
CA SER A 238 17.01 -8.12 0.99
C SER A 238 17.21 -7.23 -0.23
N ILE A 239 16.58 -7.58 -1.34
CA ILE A 239 16.75 -6.80 -2.57
C ILE A 239 16.15 -5.39 -2.43
N GLY A 240 14.95 -5.34 -1.84
CA GLY A 240 14.27 -4.07 -1.64
C GLY A 240 15.09 -3.14 -0.75
N GLY A 241 15.60 -3.65 0.36
CA GLY A 241 16.37 -2.78 1.25
C GLY A 241 17.67 -2.24 0.63
N GLU A 242 18.37 -3.11 -0.09
CA GLU A 242 19.56 -2.70 -0.79
C GLU A 242 19.19 -1.67 -1.85
N GLY A 243 18.08 -1.87 -2.55
CA GLY A 243 17.68 -0.91 -3.59
C GLY A 243 17.37 0.49 -2.98
N MET A 244 16.72 0.49 -1.83
CA MET A 244 16.38 1.76 -1.15
C MET A 244 17.65 2.46 -0.69
N LEU A 245 18.62 1.71 -0.15
CA LEU A 245 19.89 2.35 0.26
C LEU A 245 20.57 2.98 -0.97
N LYS A 246 20.59 2.23 -2.07
CA LYS A 246 21.25 2.70 -3.27
C LYS A 246 20.58 3.99 -3.74
N GLN A 247 19.24 4.03 -3.75
CA GLN A 247 18.55 5.22 -4.25
C GLN A 247 18.72 6.34 -3.24
N HIS A 248 18.89 5.98 -1.99
CA HIS A 248 19.08 7.00 -0.93
C HIS A 248 20.36 7.77 -1.17
N ILE A 249 21.43 7.04 -1.48
CA ILE A 249 22.74 7.69 -1.52
C ILE A 249 23.07 8.25 -2.89
N GLU A 250 22.60 7.58 -3.93
CA GLU A 250 22.91 8.01 -5.29
C GLU A 250 21.88 8.99 -5.84
N GLY A 251 20.72 9.05 -5.18
CA GLY A 251 19.58 9.84 -5.64
C GLY A 251 19.16 10.87 -4.59
N PHE A 252 18.52 10.44 -3.51
CA PHE A 252 17.96 11.39 -2.54
C PHE A 252 19.01 12.37 -1.96
N LEU A 253 20.15 11.85 -1.52
CA LEU A 253 21.16 12.71 -0.88
C LEU A 253 21.91 13.60 -1.87
N LYS A 254 21.71 13.35 -3.16
CA LYS A 254 22.21 14.22 -4.22
C LYS A 254 21.19 15.33 -4.61
N GLU A 255 19.91 14.97 -4.70
CA GLU A 255 18.86 15.94 -5.05
C GLU A 255 18.57 16.89 -3.91
N ASN A 256 18.85 16.41 -2.70
CA ASN A 256 18.57 17.16 -1.48
C ASN A 256 19.84 17.09 -0.63
N PRO A 257 20.86 17.89 -0.99
CA PRO A 257 22.18 17.82 -0.35
C PRO A 257 22.13 18.19 1.11
N VAL A 258 22.89 17.47 1.93
CA VAL A 258 22.87 17.75 3.36
C VAL A 258 24.21 18.35 3.76
N ALA A 259 24.24 18.96 4.93
CA ALA A 259 25.46 19.60 5.41
C ALA A 259 26.50 18.54 5.75
N ASP A 260 27.76 18.85 5.51
CA ASP A 260 28.85 17.93 5.82
C ASP A 260 28.78 17.42 7.25
N LYS A 261 28.35 18.26 8.19
CA LYS A 261 28.36 17.84 9.58
C LYS A 261 27.20 16.87 9.85
N ASP A 262 26.22 16.83 8.95
CA ASP A 262 25.09 15.90 9.10
C ASP A 262 25.13 14.68 8.18
N LEU A 263 26.08 14.63 7.27
CA LEU A 263 26.11 13.52 6.30
C LEU A 263 26.26 12.18 7.01
N GLY A 264 27.11 12.09 8.03
CA GLY A 264 27.30 10.82 8.70
C GLY A 264 25.98 10.28 9.24
N LYS A 265 25.17 11.15 9.82
CA LYS A 265 23.88 10.75 10.37
C LYS A 265 22.96 10.18 9.31
N HIS A 266 22.94 10.82 8.16
CA HIS A 266 22.05 10.38 7.07
C HIS A 266 22.53 9.06 6.49
N LEU A 267 23.84 8.85 6.45
CA LEU A 267 24.34 7.55 5.99
C LEU A 267 24.03 6.44 6.97
N PHE A 268 24.26 6.71 8.25
CA PHE A 268 23.94 5.76 9.32
C PHE A 268 22.46 5.38 9.27
N ALA A 269 21.58 6.38 9.17
CA ALA A 269 20.15 6.14 9.15
C ALA A 269 19.77 5.31 7.93
N GLY A 270 20.34 5.64 6.78
CA GLY A 270 20.00 4.97 5.55
C GLY A 270 20.40 3.51 5.53
N VAL A 271 21.62 3.22 5.96
CA VAL A 271 22.08 1.84 5.94
C VAL A 271 21.26 0.97 6.89
N ILE A 272 21.07 1.45 8.13
CA ILE A 272 20.48 0.58 9.12
C ILE A 272 18.97 0.61 8.95
N GLY A 273 18.45 1.78 8.63
CA GLY A 273 17.01 2.00 8.53
C GLY A 273 16.36 1.29 7.35
N TYR A 274 17.10 1.18 6.26
CA TYR A 274 16.58 0.48 5.08
C TYR A 274 17.04 -0.98 5.05
N HIS A 275 17.94 -1.34 5.97
CA HIS A 275 18.53 -2.70 5.99
C HIS A 275 19.20 -2.95 4.65
N GLY A 276 20.20 -2.13 4.33
CA GLY A 276 20.79 -2.14 3.00
C GLY A 276 21.68 -3.33 2.69
N PHE A 277 22.05 -4.10 3.73
CA PHE A 277 22.88 -5.30 3.55
C PHE A 277 22.21 -6.49 4.22
N THR A 278 22.59 -7.71 3.85
CA THR A 278 21.95 -8.88 4.44
C THR A 278 22.38 -9.04 5.90
N ASP A 279 23.57 -8.57 6.21
CA ASP A 279 24.06 -8.58 7.58
C ASP A 279 25.16 -7.53 7.72
N GLY A 280 25.48 -7.19 8.95
CA GLY A 280 26.51 -6.18 9.21
C GLY A 280 26.04 -4.76 8.91
N ASN A 281 24.75 -4.53 8.95
CA ASN A 281 24.24 -3.15 8.79
C ASN A 281 24.74 -2.21 9.89
N GLY A 282 24.76 -2.69 11.14
CA GLY A 282 25.19 -1.84 12.24
C GLY A 282 26.65 -1.44 12.04
N ARG A 283 27.49 -2.42 11.67
CA ARG A 283 28.90 -2.15 11.44
C ARG A 283 29.08 -1.18 10.28
N MET A 284 28.34 -1.38 9.19
CA MET A 284 28.48 -0.46 8.06
C MET A 284 28.01 0.94 8.41
N GLY A 285 26.86 1.03 9.06
CA GLY A 285 26.28 2.33 9.39
C GLY A 285 27.21 3.16 10.28
N ARG A 286 27.77 2.50 11.28
CA ARG A 286 28.76 3.18 12.15
C ARG A 286 30.04 3.50 11.42
N MET A 287 30.51 2.61 10.56
CA MET A 287 31.72 2.92 9.79
C MET A 287 31.44 4.12 8.87
N LEU A 288 30.30 4.17 8.18
CA LEU A 288 30.05 5.34 7.31
C LEU A 288 29.88 6.64 8.10
N TYR A 289 29.27 6.56 9.27
CA TYR A 289 29.11 7.74 10.12
C TYR A 289 30.51 8.26 10.47
N ALA A 290 31.38 7.37 10.94
CA ALA A 290 32.74 7.75 11.34
C ALA A 290 33.53 8.31 10.17
N ILE A 291 33.46 7.68 9.01
CA ILE A 291 34.20 8.21 7.87
C ILE A 291 33.71 9.61 7.53
N ALA A 292 32.40 9.79 7.49
CA ALA A 292 31.84 11.11 7.18
C ALA A 292 32.33 12.14 8.20
N GLU A 293 32.33 11.75 9.47
CA GLU A 293 32.77 12.66 10.53
C GLU A 293 34.22 13.05 10.34
N LEU A 294 35.05 12.05 10.03
CA LEU A 294 36.50 12.29 9.97
C LEU A 294 36.80 13.18 8.77
N ARG A 295 36.08 12.98 7.67
CA ARG A 295 36.28 13.82 6.50
C ARG A 295 35.85 15.24 6.77
N ASN A 296 35.04 15.43 7.82
CA ASN A 296 34.67 16.79 8.24
C ASN A 296 35.49 17.24 9.46
N ASP A 297 36.65 16.63 9.66
CA ASP A 297 37.60 17.00 10.74
C ASP A 297 36.94 16.99 12.13
N SER A 298 36.21 15.94 12.42
CA SER A 298 35.52 15.88 13.71
C SER A 298 35.25 14.44 14.05
N PHE A 299 34.90 14.19 15.31
CA PHE A 299 34.25 12.92 15.62
C PHE A 299 33.43 13.05 16.89
N ASN A 300 32.11 12.94 16.72
CA ASN A 300 31.18 12.99 17.83
C ASN A 300 30.47 11.64 17.93
N PRO A 301 30.72 10.87 19.00
CA PRO A 301 30.10 9.54 19.07
C PRO A 301 28.58 9.69 19.30
N LEU A 302 27.78 8.77 18.79
CA LEU A 302 26.32 8.85 18.93
C LEU A 302 25.84 8.20 20.21
N ALA A 303 24.96 8.88 20.95
CA ALA A 303 24.26 8.22 22.06
C ALA A 303 23.35 7.13 21.49
N MET A 304 23.01 6.12 22.29
CA MET A 304 22.11 5.08 21.82
C MET A 304 20.76 5.66 21.45
N ASN A 305 20.29 6.60 22.26
CA ASN A 305 19.07 7.34 21.96
C ASN A 305 19.11 7.98 20.57
N ALA A 306 20.28 8.52 20.20
CA ALA A 306 20.41 9.20 18.92
C ALA A 306 20.43 8.17 17.78
N GLU A 307 21.18 7.07 17.96
CA GLU A 307 21.16 6.01 16.94
C GLU A 307 19.72 5.56 16.69
N ASN A 308 18.96 5.32 17.76
CA ASN A 308 17.61 4.83 17.63
C ASN A 308 16.72 5.83 16.91
N SER A 309 16.87 7.10 17.23
CA SER A 309 16.16 8.17 16.51
C SER A 309 16.50 8.25 15.04
N LEU A 310 17.74 7.93 14.68
CA LEU A 310 18.14 8.01 13.27
C LEU A 310 17.59 6.86 12.46
N HIS A 311 17.82 5.63 12.92
CA HIS A 311 17.46 4.50 12.03
C HIS A 311 15.99 4.15 12.18
N GLY A 312 15.41 4.51 13.31
CA GLY A 312 13.97 4.34 13.53
C GLY A 312 13.46 2.92 13.68
N ILE A 313 14.38 1.96 13.82
CA ILE A 313 14.01 0.56 13.92
C ILE A 313 13.58 0.28 15.36
N LYS A 314 12.42 -0.36 15.50
CA LYS A 314 11.93 -0.74 16.84
C LYS A 314 11.81 -2.26 16.97
N THR B 4 -10.16 47.38 29.12
CA THR B 4 -10.64 48.00 27.89
C THR B 4 -12.09 47.63 27.59
N LYS B 5 -12.85 48.62 27.15
CA LYS B 5 -14.19 48.36 26.62
C LYS B 5 -14.05 47.52 25.36
N ALA B 6 -15.13 47.37 24.61
CA ALA B 6 -15.10 46.53 23.42
C ALA B 6 -14.17 47.12 22.32
N VAL B 7 -13.54 46.25 21.53
CA VAL B 7 -12.60 46.61 20.47
C VAL B 7 -13.08 45.99 19.15
N PHE B 8 -13.14 46.80 18.09
CA PHE B 8 -13.71 46.31 16.83
C PHE B 8 -12.77 45.48 15.97
N ASP B 9 -11.48 45.76 16.04
CA ASP B 9 -10.54 45.07 15.18
C ASP B 9 -10.34 43.60 15.63
N ASN B 10 -10.61 43.32 16.89
CA ASN B 10 -10.50 41.96 17.42
C ASN B 10 -11.87 41.27 17.49
N GLU B 11 -12.52 41.09 16.33
CA GLU B 11 -13.93 40.76 16.33
C GLU B 11 -14.32 39.32 16.01
N GLN B 12 -13.50 38.64 15.23
CA GLN B 12 -13.89 37.31 14.78
C GLN B 12 -13.85 36.29 15.92
N GLY B 13 -14.90 35.47 16.00
CA GLY B 13 -15.05 34.51 17.07
C GLY B 13 -15.00 33.08 16.57
N GLN B 14 -15.20 32.15 17.49
CA GLN B 14 -15.10 30.73 17.21
C GLN B 14 -15.96 30.25 16.05
N ALA B 15 -17.19 30.78 15.95
CA ALA B 15 -18.07 30.45 14.85
C ALA B 15 -17.40 30.73 13.51
N GLN B 16 -16.78 31.90 13.40
CA GLN B 16 -16.04 32.29 12.20
C GLN B 16 -14.85 31.38 11.95
N ARG B 17 -14.15 31.01 13.02
CA ARG B 17 -12.96 30.18 12.88
C ARG B 17 -13.27 28.79 12.36
N LEU B 18 -14.42 28.26 12.75
CA LEU B 18 -14.78 26.90 12.38
C LEU B 18 -15.24 26.84 10.93
N GLN B 19 -15.68 27.98 10.39
CA GLN B 19 -16.12 28.02 9.00
C GLN B 19 -15.01 28.48 8.05
N THR B 20 -13.76 28.55 8.52
CA THR B 20 -12.64 28.86 7.63
C THR B 20 -12.50 27.79 6.53
N SER B 21 -11.82 28.13 5.44
CA SER B 21 -11.68 27.22 4.32
C SER B 21 -10.82 26.02 4.72
N SER B 22 -9.89 26.21 5.65
CA SER B 22 -9.08 25.10 6.08
C SER B 22 -8.54 25.28 7.47
N SER B 23 -7.83 24.27 7.95
CA SER B 23 -7.21 24.33 9.26
C SER B 23 -6.17 25.44 9.31
N VAL B 24 -5.61 25.80 8.16
CA VAL B 24 -4.60 26.86 8.16
C VAL B 24 -5.16 28.20 8.61
N GLU B 25 -6.26 28.63 7.99
CA GLU B 25 -6.88 29.88 8.42
C GLU B 25 -7.37 29.82 9.86
N HIS B 26 -7.96 28.68 10.24
CA HIS B 26 -8.39 28.46 11.62
C HIS B 26 -7.21 28.63 12.56
N GLY B 27 -6.09 28.01 12.23
CA GLY B 27 -4.89 28.12 13.07
C GLY B 27 -4.33 29.53 13.12
N GLN B 28 -4.28 30.19 11.96
CA GLN B 28 -3.82 31.55 11.92
C GLN B 28 -4.62 32.44 12.86
N MET B 29 -5.92 32.21 12.91
CA MET B 29 -6.84 33.02 13.73
C MET B 29 -6.76 32.67 15.22
N LEU B 30 -6.78 31.38 15.53
CA LEU B 30 -6.74 30.97 16.93
C LEU B 30 -5.40 31.31 17.54
N PHE B 31 -4.32 31.12 16.78
CA PHE B 31 -2.97 31.25 17.31
C PHE B 31 -2.38 32.64 17.03
N LYS B 32 -3.20 33.53 16.46
CA LYS B 32 -2.74 34.86 16.08
C LYS B 32 -1.36 34.79 15.45
N ASP B 33 -1.29 34.07 14.33
CA ASP B 33 -0.01 33.87 13.65
C ASP B 33 -0.21 33.66 12.16
N ALA B 34 -0.04 34.72 11.39
CA ALA B 34 -0.25 34.67 9.95
C ALA B 34 0.90 33.97 9.22
N ASN B 35 1.96 33.60 9.94
CA ASN B 35 3.06 32.84 9.32
C ASN B 35 2.79 31.34 9.17
N LEU B 36 1.73 30.84 9.80
CA LEU B 36 1.29 29.45 9.57
C LEU B 36 0.74 29.35 8.15
N LYS B 37 1.29 28.46 7.33
CA LYS B 37 0.90 28.40 5.93
C LYS B 37 0.39 27.04 5.49
N THR B 38 0.73 25.98 6.24
CA THR B 38 0.28 24.62 5.89
C THR B 38 -0.31 23.94 7.12
N PRO B 39 -1.10 22.88 6.90
CA PRO B 39 -1.64 22.17 8.06
C PRO B 39 -0.53 21.60 8.91
N SER B 40 0.62 21.25 8.30
CA SER B 40 1.75 20.76 9.11
C SER B 40 2.26 21.86 10.05
N ASP B 41 2.33 23.09 9.54
CA ASP B 41 2.71 24.24 10.37
C ASP B 41 1.75 24.39 11.55
N VAL B 42 0.46 24.21 11.29
CA VAL B 42 -0.55 24.31 12.34
C VAL B 42 -0.33 23.24 13.43
N LEU B 43 -0.10 22.01 13.03
CA LEU B 43 0.18 20.93 13.97
C LEU B 43 1.49 21.16 14.73
N ASN B 44 2.49 21.69 14.05
CA ASN B 44 3.76 21.99 14.72
C ASN B 44 3.61 23.12 15.76
N ALA B 45 2.63 23.99 15.58
CA ALA B 45 2.34 25.06 16.58
C ALA B 45 1.80 24.50 17.89
N PHE B 46 1.20 23.32 17.85
CA PHE B 46 0.59 22.81 19.08
C PHE B 46 1.61 22.62 20.23
N ALA B 47 2.84 22.28 19.90
CA ALA B 47 3.87 22.02 20.91
C ALA B 47 4.18 23.32 21.65
N LYS B 48 3.87 24.43 21.00
CA LYS B 48 4.29 25.73 21.52
C LYS B 48 3.27 26.29 22.50
N LEU B 49 2.08 25.70 22.56
CA LEU B 49 1.01 26.22 23.43
C LEU B 49 1.33 26.02 24.91
N ASP B 50 1.04 27.02 25.74
CA ASP B 50 1.29 26.85 27.17
C ASP B 50 0.20 25.95 27.77
N SER B 51 0.50 25.33 28.91
CA SER B 51 -0.37 24.29 29.48
C SER B 51 -1.77 24.82 29.82
N LYS B 52 -1.86 26.07 30.21
CA LYS B 52 -3.13 26.63 30.68
C LYS B 52 -4.00 26.89 29.48
N MET B 53 -3.39 27.37 28.40
CA MET B 53 -4.12 27.59 27.18
C MET B 53 -4.70 26.28 26.67
N VAL B 54 -3.88 25.24 26.64
CA VAL B 54 -4.35 23.96 26.15
C VAL B 54 -5.57 23.48 26.95
N LYS B 55 -5.57 23.66 28.26
CA LYS B 55 -6.69 23.16 29.04
C LYS B 55 -7.93 24.04 28.85
N SER B 56 -7.75 25.34 28.67
CA SER B 56 -8.88 26.24 28.59
C SER B 56 -9.58 26.16 27.24
N HIS B 57 -8.80 25.90 26.21
CA HIS B 57 -9.34 25.81 24.86
C HIS B 57 -9.38 24.37 24.36
N ALA B 58 -9.50 23.42 25.28
CA ALA B 58 -9.38 22.01 24.93
C ALA B 58 -10.34 21.62 23.79
N ALA B 59 -11.60 22.02 23.90
CA ALA B 59 -12.63 21.64 22.93
C ALA B 59 -12.29 22.15 21.53
N GLU B 60 -11.97 23.42 21.39
CA GLU B 60 -11.63 23.93 20.07
C GLU B 60 -10.30 23.33 19.56
N LEU B 61 -9.35 23.14 20.46
CA LEU B 61 -8.05 22.61 20.02
C LEU B 61 -8.22 21.18 19.50
N SER B 62 -9.19 20.47 20.07
CA SER B 62 -9.42 19.10 19.64
C SER B 62 -9.95 19.15 18.22
N GLN B 63 -10.85 20.10 17.95
CA GLN B 63 -11.40 20.24 16.60
C GLN B 63 -10.32 20.64 15.61
N LEU B 64 -9.47 21.58 16.01
CA LEU B 64 -8.43 22.08 15.10
C LEU B 64 -7.42 20.99 14.81
N ALA B 65 -7.07 20.18 15.80
CA ALA B 65 -6.06 19.15 15.58
C ALA B 65 -6.62 18.08 14.65
N GLU B 66 -7.90 17.79 14.80
CA GLU B 66 -8.51 16.79 13.96
C GLU B 66 -8.54 17.30 12.53
N ARG B 67 -8.93 18.57 12.35
CA ARG B 67 -8.93 19.17 11.00
C ARG B 67 -7.54 19.18 10.38
N ALA B 68 -6.53 19.59 11.15
CA ALA B 68 -5.20 19.74 10.59
C ALA B 68 -4.66 18.37 10.22
N MET B 69 -4.83 17.40 11.12
CA MET B 69 -4.37 16.05 10.81
C MET B 69 -5.09 15.46 9.60
N THR B 70 -6.40 15.70 9.51
CA THR B 70 -7.15 15.24 8.36
C THR B 70 -6.59 15.85 7.07
N GLU B 71 -6.29 17.14 7.09
CA GLU B 71 -5.75 17.79 5.89
C GLU B 71 -4.39 17.27 5.51
N VAL B 72 -3.52 17.04 6.50
CA VAL B 72 -2.21 16.51 6.20
C VAL B 72 -2.40 15.13 5.56
N MET B 73 -3.27 14.32 6.14
CA MET B 73 -3.42 12.94 5.65
C MET B 73 -3.96 12.92 4.23
N LEU B 74 -4.87 13.83 3.93
CA LEU B 74 -5.42 13.88 2.58
C LEU B 74 -4.35 14.24 1.54
N GLU B 75 -3.31 14.94 1.97
CA GLU B 75 -2.26 15.32 1.01
C GLU B 75 -1.09 14.33 0.92
N THR B 76 -1.10 13.25 1.72
CA THR B 76 -0.06 12.20 1.64
C THR B 76 -0.21 11.36 0.37
N ASP B 77 0.86 10.65 -0.03
CA ASP B 77 0.77 9.74 -1.19
C ASP B 77 -0.46 8.82 -1.07
N SER B 78 -0.66 8.22 0.09
CA SER B 78 -1.76 7.24 0.21
C SER B 78 -3.07 7.95 0.27
N GLY B 79 -3.11 9.15 0.88
CA GLY B 79 -4.34 9.93 0.87
C GLY B 79 -4.80 10.21 -0.56
N LYS B 80 -3.87 10.62 -1.40
CA LYS B 80 -4.22 10.88 -2.79
C LYS B 80 -4.57 9.60 -3.53
N ASN B 81 -3.92 8.49 -3.19
CA ASN B 81 -4.30 7.21 -3.80
C ASN B 81 -5.75 6.82 -3.46
N LEU B 82 -6.16 7.05 -2.22
CA LEU B 82 -7.54 6.78 -1.82
C LEU B 82 -8.47 7.74 -2.52
N LYS B 83 -8.06 9.00 -2.67
CA LYS B 83 -8.92 9.97 -3.36
C LYS B 83 -9.18 9.53 -4.80
N ALA B 84 -8.14 9.04 -5.48
CA ALA B 84 -8.28 8.57 -6.85
C ALA B 84 -9.24 7.38 -6.92
N LEU B 85 -9.30 6.55 -5.88
CA LEU B 85 -10.20 5.38 -5.87
C LEU B 85 -11.64 5.74 -5.50
N ILE B 86 -11.85 6.50 -4.43
CA ILE B 86 -13.21 6.61 -3.91
C ILE B 86 -13.77 8.05 -3.89
N GLY B 87 -12.96 9.02 -4.35
CA GLY B 87 -13.40 10.39 -4.57
C GLY B 87 -13.33 11.23 -3.32
N ASP B 88 -13.53 12.55 -3.45
CA ASP B 88 -13.23 13.51 -2.38
C ASP B 88 -14.07 13.34 -1.14
N ASP B 89 -15.38 13.16 -1.31
CA ASP B 89 -16.28 13.08 -0.18
C ASP B 89 -15.95 11.89 0.70
N ALA B 90 -15.80 10.74 0.04
CA ALA B 90 -15.60 9.49 0.76
C ALA B 90 -14.22 9.48 1.43
N VAL B 91 -13.21 9.98 0.73
CA VAL B 91 -11.88 9.95 1.34
C VAL B 91 -11.80 10.90 2.54
N LYS B 92 -12.50 12.02 2.48
CA LYS B 92 -12.57 12.89 3.65
C LYS B 92 -13.26 12.23 4.84
N SER B 93 -14.41 11.60 4.62
CA SER B 93 -15.11 10.88 5.68
C SER B 93 -14.22 9.83 6.31
N LEU B 94 -13.51 9.09 5.46
CA LEU B 94 -12.62 8.04 5.96
C LEU B 94 -11.45 8.65 6.72
N ALA B 95 -10.87 9.69 6.16
CA ALA B 95 -9.71 10.30 6.79
C ALA B 95 -10.07 10.74 8.20
N VAL B 96 -11.25 11.33 8.34
CA VAL B 96 -11.68 11.90 9.62
C VAL B 96 -11.79 10.78 10.64
N ARG B 97 -12.31 9.63 10.21
CA ARG B 97 -12.52 8.51 11.14
C ARG B 97 -11.18 7.88 11.53
N VAL B 98 -10.26 7.77 10.58
CA VAL B 98 -8.94 7.24 10.86
C VAL B 98 -8.21 8.18 11.83
N VAL B 99 -8.37 9.48 11.63
CA VAL B 99 -7.76 10.47 12.54
C VAL B 99 -8.33 10.36 13.95
N LYS B 100 -9.64 10.17 14.05
CA LYS B 100 -10.26 9.99 15.35
C LYS B 100 -9.74 8.73 16.01
N ASP B 101 -9.48 7.68 15.23
CA ASP B 101 -9.08 6.40 15.82
C ASP B 101 -7.59 6.35 16.18
N TYR B 102 -6.75 6.98 15.36
CA TYR B 102 -5.30 6.80 15.45
C TYR B 102 -4.51 8.07 15.69
N GLY B 103 -5.18 9.21 15.62
CA GLY B 103 -4.47 10.49 15.56
C GLY B 103 -3.98 10.98 16.92
N GLY B 104 -4.61 10.51 17.99
CA GLY B 104 -4.15 10.81 19.34
C GLY B 104 -4.56 12.16 19.93
N GLY B 105 -5.45 12.89 19.24
CA GLY B 105 -6.03 14.09 19.79
C GLY B 105 -5.03 15.22 20.04
N VAL B 106 -5.37 16.10 20.96
CA VAL B 106 -4.55 17.25 21.24
C VAL B 106 -3.20 16.83 21.81
N ALA B 107 -3.21 15.80 22.65
CA ALA B 107 -1.99 15.39 23.35
C ALA B 107 -0.94 14.98 22.35
N ALA B 108 -1.34 14.21 21.35
CA ALA B 108 -0.38 13.72 20.37
C ALA B 108 -0.01 14.83 19.41
N ALA B 109 -0.94 15.77 19.15
CA ALA B 109 -0.58 16.92 18.32
C ALA B 109 0.57 17.72 18.99
N GLN B 110 0.54 17.81 20.31
CA GLN B 110 1.59 18.50 21.02
C GLN B 110 2.88 17.72 21.04
N LYS B 111 2.77 16.42 21.29
CA LYS B 111 3.91 15.54 21.63
C LYS B 111 4.63 14.88 20.43
N ASN B 112 3.88 14.30 19.51
CA ASN B 112 4.53 13.58 18.41
C ASN B 112 3.67 13.48 17.15
N PRO B 113 3.40 14.62 16.49
CA PRO B 113 2.40 14.47 15.41
C PRO B 113 2.93 13.70 14.19
N GLU B 114 4.24 13.80 13.93
CA GLU B 114 4.86 13.07 12.81
C GLU B 114 4.68 11.58 12.91
N VAL B 115 4.85 11.02 14.10
CA VAL B 115 4.72 9.58 14.26
C VAL B 115 3.28 9.15 13.96
N ARG B 116 2.32 9.95 14.41
CA ARG B 116 0.91 9.64 14.15
C ARG B 116 0.60 9.71 12.66
N ILE B 117 1.13 10.72 11.99
CA ILE B 117 0.92 10.88 10.55
C ILE B 117 1.53 9.70 9.80
N ASN B 118 2.70 9.28 10.24
CA ASN B 118 3.39 8.18 9.59
C ASN B 118 2.62 6.89 9.82
N GLN B 119 2.06 6.73 11.01
CA GLN B 119 1.30 5.54 11.33
C GLN B 119 0.01 5.47 10.50
N MET B 120 -0.62 6.62 10.34
CA MET B 120 -1.87 6.65 9.63
C MET B 120 -1.66 6.41 8.14
N GLN B 121 -0.51 6.82 7.62
CA GLN B 121 -0.22 6.53 6.21
C GLN B 121 -0.13 5.06 5.99
N ALA B 122 0.37 4.32 6.96
CA ALA B 122 0.37 2.85 6.87
C ALA B 122 -1.06 2.29 6.90
N VAL B 123 -1.94 2.88 7.69
CA VAL B 123 -3.36 2.49 7.70
C VAL B 123 -3.98 2.73 6.33
N PHE B 124 -3.77 3.90 5.75
CA PHE B 124 -4.29 4.20 4.41
C PHE B 124 -3.75 3.20 3.38
N ASP B 125 -2.45 2.95 3.44
CA ASP B 125 -1.76 2.04 2.48
C ASP B 125 -2.44 0.68 2.47
N MET B 126 -2.82 0.20 3.66
CA MET B 126 -3.50 -1.10 3.80
C MET B 126 -4.87 -1.05 3.12
N GLU B 127 -5.58 0.05 3.36
CA GLU B 127 -6.89 0.21 2.75
C GLU B 127 -6.76 0.26 1.24
N VAL B 128 -5.78 1.01 0.74
CA VAL B 128 -5.58 1.10 -0.71
C VAL B 128 -5.33 -0.30 -1.28
N MET B 129 -4.48 -1.08 -0.61
CA MET B 129 -4.16 -2.43 -1.09
C MET B 129 -5.39 -3.29 -1.26
N HIS B 130 -6.25 -3.22 -0.26
CA HIS B 130 -7.45 -4.07 -0.25
C HIS B 130 -8.45 -3.59 -1.28
N LEU B 131 -8.64 -2.29 -1.41
CA LEU B 131 -9.54 -1.78 -2.43
C LEU B 131 -9.01 -2.13 -3.83
N LYS B 132 -7.71 -2.01 -4.05
CA LYS B 132 -7.16 -2.26 -5.37
C LYS B 132 -7.22 -3.74 -5.74
N ALA B 133 -7.11 -4.61 -4.76
CA ALA B 133 -7.19 -6.04 -5.02
C ALA B 133 -8.60 -6.37 -5.55
N ALA B 134 -9.61 -5.76 -4.94
CA ALA B 134 -10.98 -6.07 -5.35
C ALA B 134 -11.20 -5.45 -6.72
N GLN B 135 -10.63 -4.28 -6.94
CA GLN B 135 -10.84 -3.55 -8.18
C GLN B 135 -10.25 -4.31 -9.37
N ARG B 136 -9.08 -4.89 -9.20
CA ARG B 136 -8.48 -5.63 -10.32
C ARG B 136 -9.43 -6.73 -10.80
N HIS B 137 -9.95 -7.50 -9.84
CA HIS B 137 -10.88 -8.58 -10.16
C HIS B 137 -12.16 -8.07 -10.81
N ILE B 138 -12.85 -7.20 -10.10
CA ILE B 138 -14.15 -6.70 -10.53
C ILE B 138 -14.06 -5.96 -11.88
N GLU B 139 -13.13 -5.03 -12.04
CA GLU B 139 -13.02 -4.33 -13.33
C GLU B 139 -12.48 -5.27 -14.41
N GLY B 140 -11.79 -6.32 -13.99
CA GLY B 140 -11.30 -7.31 -14.94
C GLY B 140 -12.46 -7.90 -15.72
N LEU B 141 -13.62 -8.01 -15.10
CA LEU B 141 -14.77 -8.64 -15.72
C LEU B 141 -15.12 -7.95 -17.04
N ALA B 142 -14.84 -6.65 -17.14
CA ALA B 142 -15.22 -5.87 -18.31
C ALA B 142 -14.40 -6.21 -19.56
N SER B 143 -13.26 -6.87 -19.39
CA SER B 143 -12.52 -7.36 -20.56
C SER B 143 -12.50 -8.89 -20.56
N THR B 144 -13.54 -9.47 -19.97
CA THR B 144 -13.76 -10.91 -19.97
C THR B 144 -15.07 -11.15 -20.70
N ASP B 145 -15.15 -12.26 -21.45
CA ASP B 145 -16.41 -12.65 -22.08
C ASP B 145 -17.32 -13.32 -21.05
N LEU B 146 -18.32 -12.58 -20.55
CA LEU B 146 -19.13 -13.09 -19.45
C LEU B 146 -20.20 -14.08 -19.94
N ASN B 147 -20.29 -14.30 -21.24
CA ASN B 147 -21.32 -15.19 -21.76
C ASN B 147 -20.79 -16.57 -22.09
N GLN B 148 -19.56 -16.86 -21.68
CA GLN B 148 -18.99 -18.20 -21.86
C GLN B 148 -18.40 -18.69 -20.55
N GLY B 149 -18.14 -19.99 -20.47
CA GLY B 149 -17.41 -20.54 -19.34
C GLY B 149 -18.12 -20.34 -18.01
N VAL B 150 -17.36 -20.16 -16.93
CA VAL B 150 -17.92 -20.18 -15.59
C VAL B 150 -18.91 -19.02 -15.35
N TYR B 151 -18.68 -17.91 -16.02
CA TYR B 151 -19.47 -16.70 -15.86
C TYR B 151 -20.90 -16.87 -16.39
N ALA B 152 -21.12 -17.89 -17.20
CA ALA B 152 -22.45 -18.11 -17.77
C ALA B 152 -23.14 -19.36 -17.20
N GLU B 153 -22.55 -20.00 -16.20
CA GLU B 153 -23.14 -21.22 -15.62
C GLU B 153 -24.47 -20.93 -14.93
N GLY B 154 -25.49 -21.71 -15.25
CA GLY B 154 -26.84 -21.47 -14.75
C GLY B 154 -27.32 -22.42 -13.66
N LEU B 155 -28.23 -21.93 -12.81
CA LEU B 155 -28.82 -22.74 -11.75
C LEU B 155 -30.04 -23.48 -12.30
N PRO B 156 -30.05 -24.82 -12.17
CA PRO B 156 -31.20 -25.60 -12.61
C PRO B 156 -32.49 -25.04 -12.03
N GLU B 157 -33.53 -25.01 -12.82
CA GLU B 157 -34.81 -24.41 -12.43
C GLU B 157 -35.37 -25.02 -11.14
N ASP B 158 -35.22 -26.34 -10.99
CA ASP B 158 -35.85 -27.02 -9.86
C ASP B 158 -35.12 -26.70 -8.56
N ALA B 159 -33.91 -26.17 -8.67
CA ALA B 159 -33.15 -25.78 -7.48
C ALA B 159 -33.85 -24.69 -6.66
N PHE B 160 -34.56 -23.77 -7.33
CA PHE B 160 -35.14 -22.62 -6.61
C PHE B 160 -36.61 -22.37 -6.88
N ASN B 161 -37.13 -23.00 -7.93
CA ASN B 161 -38.47 -22.69 -8.39
C ASN B 161 -39.35 -23.93 -8.25
N LYS B 162 -39.86 -24.12 -7.03
CA LYS B 162 -40.54 -25.35 -6.68
C LYS B 162 -41.95 -25.39 -7.27
N ALA B 163 -42.56 -24.21 -7.36
CA ALA B 163 -43.92 -24.12 -7.89
C ALA B 163 -43.95 -24.17 -9.42
N GLY B 164 -42.78 -24.07 -10.05
CA GLY B 164 -42.71 -24.07 -11.50
C GLY B 164 -43.38 -22.87 -12.14
N VAL B 165 -43.32 -21.71 -11.50
CA VAL B 165 -43.79 -20.47 -12.12
C VAL B 165 -42.97 -20.20 -13.38
N THR B 166 -43.58 -19.54 -14.36
CA THR B 166 -42.92 -19.28 -15.64
C THR B 166 -42.66 -17.80 -15.90
N ASN B 167 -43.44 -16.93 -15.27
CA ASN B 167 -43.22 -15.48 -15.38
C ASN B 167 -41.81 -15.12 -14.86
N ASN B 168 -41.06 -14.31 -15.60
CA ASN B 168 -39.67 -14.02 -15.26
C ASN B 168 -39.53 -13.27 -13.95
N VAL B 169 -40.47 -12.35 -13.66
CA VAL B 169 -40.40 -11.64 -12.39
C VAL B 169 -40.63 -12.60 -11.25
N GLU B 170 -41.56 -13.54 -11.41
CA GLU B 170 -41.81 -14.51 -10.36
C GLU B 170 -40.68 -15.51 -10.21
N ARG B 171 -40.05 -15.89 -11.31
CA ARG B 171 -38.87 -16.75 -11.23
C ARG B 171 -37.72 -16.02 -10.53
N ALA B 172 -37.52 -14.76 -10.85
CA ALA B 172 -36.40 -14.02 -10.24
C ALA B 172 -36.65 -13.88 -8.73
N ALA B 173 -37.90 -13.64 -8.34
CA ALA B 173 -38.23 -13.51 -6.90
C ALA B 173 -37.94 -14.83 -6.20
N ALA B 174 -38.37 -15.91 -6.84
CA ALA B 174 -38.12 -17.24 -6.30
C ALA B 174 -36.63 -17.50 -6.11
N TRP B 175 -35.81 -17.03 -7.05
CA TRP B 175 -34.35 -17.23 -6.95
C TRP B 175 -33.77 -16.44 -5.78
N ILE B 176 -34.19 -15.19 -5.65
CA ILE B 176 -33.65 -14.36 -4.56
C ILE B 176 -34.10 -14.92 -3.21
N ILE B 177 -35.38 -15.26 -3.13
CA ILE B 177 -35.97 -15.75 -1.88
C ILE B 177 -35.29 -17.04 -1.45
N ASN B 178 -35.04 -17.91 -2.41
CA ASN B 178 -34.42 -19.18 -2.12
C ASN B 178 -32.96 -19.02 -1.65
N ALA B 179 -32.24 -18.11 -2.30
CA ALA B 179 -30.84 -17.89 -1.95
C ALA B 179 -30.70 -17.35 -0.51
N SER B 180 -31.71 -16.64 -0.02
CA SER B 180 -31.64 -16.03 1.31
C SER B 180 -32.53 -16.72 2.34
N ASN B 181 -33.16 -17.82 1.92
CA ASN B 181 -34.16 -18.48 2.74
C ASN B 181 -35.20 -17.51 3.34
N SER B 182 -35.62 -16.51 2.57
CA SER B 182 -36.51 -15.46 3.07
C SER B 182 -37.94 -15.96 3.25
N LYS B 183 -38.67 -15.36 4.20
CA LYS B 183 -40.00 -15.85 4.58
C LYS B 183 -40.94 -14.66 4.83
N GLY B 184 -42.25 -14.89 4.87
CA GLY B 184 -43.18 -13.91 5.43
C GLY B 184 -43.18 -12.57 4.70
N ASN B 185 -43.39 -11.47 5.45
CA ASN B 185 -43.39 -10.14 4.87
C ASN B 185 -42.08 -9.85 4.14
N ASP B 186 -40.98 -10.38 4.66
CA ASP B 186 -39.70 -10.10 4.04
C ASP B 186 -39.68 -10.62 2.59
N ALA B 187 -40.12 -11.86 2.40
CA ALA B 187 -40.21 -12.45 1.05
C ALA B 187 -41.21 -11.67 0.15
N GLU B 188 -42.32 -11.23 0.72
CA GLU B 188 -43.29 -10.45 -0.06
C GLU B 188 -42.65 -9.15 -0.49
N ASN B 189 -41.82 -8.60 0.37
CA ASN B 189 -41.21 -7.32 0.06
C ASN B 189 -40.21 -7.47 -1.10
N ILE B 190 -39.40 -8.53 -1.04
CA ILE B 190 -38.50 -8.89 -2.14
C ILE B 190 -39.25 -8.92 -3.47
N THR B 191 -40.37 -9.64 -3.49
CA THR B 191 -41.20 -9.77 -4.69
C THR B 191 -41.74 -8.41 -5.16
N SER B 192 -42.27 -7.61 -4.23
CA SER B 192 -42.85 -6.32 -4.62
C SER B 192 -41.75 -5.39 -5.18
N LEU B 193 -40.57 -5.44 -4.56
CA LEU B 193 -39.50 -4.55 -4.99
C LEU B 193 -39.06 -4.91 -6.41
N LEU B 194 -38.99 -6.20 -6.71
CA LEU B 194 -38.60 -6.64 -8.04
C LEU B 194 -39.59 -6.13 -9.07
N LYS B 195 -40.86 -6.31 -8.77
CA LYS B 195 -41.91 -5.91 -9.70
C LYS B 195 -41.80 -4.41 -9.94
N GLU B 196 -41.64 -3.69 -8.84
CA GLU B 196 -41.56 -2.23 -8.89
C GLU B 196 -40.34 -1.73 -9.68
N TYR B 197 -39.17 -2.31 -9.42
CA TYR B 197 -37.97 -1.81 -10.06
C TYR B 197 -37.84 -2.30 -11.49
N ALA B 198 -38.56 -3.35 -11.86
CA ALA B 198 -38.50 -3.82 -13.24
C ALA B 198 -39.07 -2.78 -14.20
N THR B 199 -39.98 -1.94 -13.70
CA THR B 199 -40.64 -0.98 -14.59
C THR B 199 -40.59 0.47 -14.14
N ASN B 200 -39.85 0.79 -13.09
CA ASN B 200 -39.93 2.16 -12.57
C ASN B 200 -38.90 3.11 -13.18
N GLY B 201 -38.05 2.60 -14.07
CA GLY B 201 -37.08 3.44 -14.76
C GLY B 201 -35.94 4.01 -13.92
N LYS B 202 -35.88 3.67 -12.64
CA LYS B 202 -34.78 4.19 -11.81
C LYS B 202 -33.38 3.73 -12.26
N ASP B 203 -32.46 4.68 -12.39
CA ASP B 203 -31.12 4.43 -12.90
C ASP B 203 -30.39 3.61 -11.85
N LEU B 204 -29.85 2.46 -12.26
CA LEU B 204 -29.15 1.59 -11.31
C LEU B 204 -27.71 2.07 -11.15
N LEU B 205 -27.25 2.94 -12.06
CA LEU B 205 -25.89 3.48 -11.96
C LEU B 205 -25.91 4.81 -11.23
N ASN B 206 -26.60 4.83 -10.11
CA ASN B 206 -26.77 6.03 -9.33
C ASN B 206 -26.78 5.58 -7.89
N MET B 207 -25.82 6.04 -7.10
CA MET B 207 -25.61 5.46 -5.78
C MET B 207 -26.73 5.82 -4.82
N ASP B 208 -27.28 7.02 -4.95
CA ASP B 208 -28.42 7.40 -4.13
C ASP B 208 -29.58 6.42 -4.40
N ASN B 209 -29.86 6.10 -5.66
CA ASN B 209 -30.91 5.14 -5.95
C ASN B 209 -30.64 3.80 -5.29
N LEU B 210 -29.37 3.39 -5.29
CA LEU B 210 -29.06 2.06 -4.73
C LEU B 210 -29.22 2.09 -3.20
N LYS B 211 -28.87 3.19 -2.58
CA LYS B 211 -28.95 3.26 -1.11
C LYS B 211 -30.44 3.23 -0.72
N GLU B 212 -31.26 3.88 -1.52
CA GLU B 212 -32.70 3.90 -1.27
C GLU B 212 -33.32 2.50 -1.42
N LEU B 213 -32.95 1.80 -2.48
CA LEU B 213 -33.41 0.42 -2.67
C LEU B 213 -32.90 -0.46 -1.53
N HIS B 214 -31.62 -0.30 -1.16
CA HIS B 214 -31.06 -1.11 -0.08
C HIS B 214 -31.82 -0.89 1.24
N ALA B 215 -32.20 0.37 1.52
CA ALA B 215 -32.92 0.68 2.75
C ALA B 215 -34.30 0.00 2.78
N ARG B 216 -34.93 -0.16 1.63
CA ARG B 216 -36.22 -0.87 1.57
C ARG B 216 -36.06 -2.37 1.61
N LEU B 217 -34.94 -2.87 1.11
CA LEU B 217 -34.71 -4.31 0.96
C LEU B 217 -34.20 -4.96 2.24
N VAL B 218 -33.35 -4.23 2.96
CA VAL B 218 -32.59 -4.77 4.07
C VAL B 218 -32.88 -4.01 5.36
N PRO B 219 -33.44 -4.70 6.36
CA PRO B 219 -33.74 -4.07 7.65
C PRO B 219 -32.49 -3.48 8.28
N ASN B 220 -32.58 -2.26 8.79
CA ASN B 220 -31.43 -1.57 9.32
C ASN B 220 -30.76 -2.32 10.45
N VAL B 221 -29.44 -2.26 10.47
CA VAL B 221 -28.67 -2.73 11.61
C VAL B 221 -27.87 -1.53 12.11
N GLU B 222 -27.86 -1.33 13.42
CA GLU B 222 -27.06 -0.27 14.02
C GLU B 222 -25.61 -0.69 14.00
N ARG B 223 -24.87 -0.22 13.01
CA ARG B 223 -23.46 -0.58 12.92
C ARG B 223 -22.55 0.63 13.07
N ASP B 224 -21.59 0.50 13.96
CA ASP B 224 -20.47 1.43 14.02
C ASP B 224 -19.75 1.34 12.69
N TYR B 225 -19.13 2.45 12.31
CA TYR B 225 -18.13 2.47 11.27
C TYR B 225 -17.16 1.30 11.42
N ARG B 226 -16.79 0.67 10.30
CA ARG B 226 -15.73 -0.33 10.33
C ARG B 226 -14.50 0.23 9.62
N GLY B 227 -13.35 0.26 10.30
CA GLY B 227 -12.17 0.89 9.76
C GLY B 227 -11.37 -0.07 8.91
N PRO B 228 -10.27 0.40 8.28
CA PRO B 228 -9.37 -0.44 7.50
C PRO B 228 -8.81 -1.56 8.37
N ASN B 229 -8.67 -2.75 7.80
CA ASN B 229 -8.16 -3.87 8.55
C ASN B 229 -6.64 -3.87 8.38
N ILE B 230 -5.96 -3.72 9.50
CA ILE B 230 -4.51 -3.67 9.49
C ILE B 230 -3.95 -4.87 10.25
N SER B 231 -4.80 -5.86 10.46
CA SER B 231 -4.48 -7.03 11.28
C SER B 231 -4.31 -8.32 10.51
N GLY B 232 -4.36 -8.27 9.18
CA GLY B 232 -4.24 -9.48 8.38
C GLY B 232 -5.46 -9.74 7.51
N GLY B 233 -6.59 -9.15 7.87
CA GLY B 233 -7.81 -9.26 7.07
C GLY B 233 -7.74 -8.38 5.83
N THR B 234 -8.62 -8.60 4.87
CA THR B 234 -8.61 -7.82 3.63
C THR B 234 -9.95 -7.08 3.42
N LEU B 235 -10.85 -7.20 4.38
CA LEU B 235 -12.16 -6.57 4.27
C LEU B 235 -11.99 -5.05 4.18
N PRO B 236 -12.61 -4.41 3.17
CA PRO B 236 -12.44 -2.96 3.18
C PRO B 236 -13.17 -2.31 4.36
N SER B 237 -12.79 -1.10 4.70
CA SER B 237 -13.52 -0.31 5.66
C SER B 237 -14.94 -0.12 5.11
N SER B 238 -15.90 0.16 5.99
CA SER B 238 -17.28 0.36 5.54
C SER B 238 -17.35 1.51 4.54
N ILE B 239 -16.64 2.60 4.84
CA ILE B 239 -16.61 3.80 3.98
C ILE B 239 -15.91 3.51 2.63
N GLY B 240 -14.78 2.85 2.66
CA GLY B 240 -14.08 2.50 1.42
C GLY B 240 -14.86 1.55 0.50
N GLY B 241 -15.53 0.56 1.07
CA GLY B 241 -16.33 -0.38 0.28
C GLY B 241 -17.48 0.33 -0.40
N GLU B 242 -18.18 1.17 0.35
CA GLU B 242 -19.32 1.87 -0.23
C GLU B 242 -18.77 2.82 -1.29
N GLY B 243 -17.60 3.40 -1.03
CA GLY B 243 -17.04 4.36 -1.97
C GLY B 243 -16.62 3.68 -3.26
N MET B 244 -16.12 2.46 -3.16
CA MET B 244 -15.72 1.72 -4.37
C MET B 244 -16.96 1.34 -5.16
N LEU B 245 -18.03 0.96 -4.45
CA LEU B 245 -19.28 0.61 -5.16
C LEU B 245 -19.76 1.84 -5.89
N LYS B 246 -19.73 2.99 -5.22
CA LYS B 246 -20.21 4.22 -5.84
C LYS B 246 -19.41 4.56 -7.10
N GLN B 247 -18.09 4.45 -7.01
CA GLN B 247 -17.24 4.83 -8.13
C GLN B 247 -17.42 3.85 -9.28
N HIS B 248 -17.67 2.60 -8.94
CA HIS B 248 -17.90 1.54 -9.91
C HIS B 248 -19.11 1.84 -10.80
N ILE B 249 -20.22 2.23 -10.20
CA ILE B 249 -21.44 2.38 -10.99
C ILE B 249 -21.55 3.77 -11.63
N GLU B 250 -21.09 4.80 -10.92
CA GLU B 250 -21.25 6.17 -11.37
C GLU B 250 -20.10 6.62 -12.27
N GLY B 251 -18.99 5.91 -12.19
CA GLY B 251 -17.81 6.23 -12.98
C GLY B 251 -17.45 5.10 -13.92
N PHE B 252 -16.94 4.00 -13.37
CA PHE B 252 -16.48 2.91 -14.22
C PHE B 252 -17.48 2.42 -15.28
N LEU B 253 -18.70 2.08 -14.83
CA LEU B 253 -19.70 1.51 -15.73
C LEU B 253 -20.42 2.58 -16.56
N LYS B 254 -20.33 3.85 -16.15
CA LYS B 254 -21.12 4.88 -16.83
C LYS B 254 -20.30 5.61 -17.90
N GLU B 255 -18.99 5.67 -17.70
CA GLU B 255 -18.10 6.30 -18.67
C GLU B 255 -17.95 5.41 -19.91
N ASN B 256 -17.95 4.10 -19.70
CA ASN B 256 -17.78 3.14 -20.78
C ASN B 256 -18.77 2.01 -20.64
N PRO B 257 -20.04 2.27 -21.04
CA PRO B 257 -21.16 1.36 -20.74
C PRO B 257 -20.89 -0.07 -21.19
N VAL B 258 -21.48 -1.04 -20.50
CA VAL B 258 -21.38 -2.44 -20.88
C VAL B 258 -22.69 -2.87 -21.53
N ALA B 259 -22.71 -4.08 -22.06
CA ALA B 259 -23.89 -4.60 -22.74
C ALA B 259 -25.00 -4.88 -21.74
N ASP B 260 -26.24 -4.59 -22.13
CA ASP B 260 -27.38 -4.82 -21.27
C ASP B 260 -27.42 -6.24 -20.70
N LYS B 261 -27.09 -7.22 -21.53
CA LYS B 261 -27.16 -8.62 -21.09
C LYS B 261 -26.09 -8.92 -20.06
N ASP B 262 -25.08 -8.05 -19.95
CA ASP B 262 -23.99 -8.22 -18.99
C ASP B 262 -24.07 -7.29 -17.77
N LEU B 263 -24.99 -6.33 -17.82
CA LEU B 263 -25.06 -5.30 -16.78
C LEU B 263 -25.35 -5.88 -15.38
N GLY B 264 -26.26 -6.84 -15.26
CA GLY B 264 -26.57 -7.38 -13.94
C GLY B 264 -25.36 -8.05 -13.29
N LYS B 265 -24.54 -8.72 -14.09
CA LYS B 265 -23.34 -9.38 -13.59
C LYS B 265 -22.36 -8.37 -13.05
N HIS B 266 -22.20 -7.25 -13.74
CA HIS B 266 -21.27 -6.21 -13.26
C HIS B 266 -21.76 -5.59 -11.97
N LEU B 267 -23.08 -5.43 -11.84
CA LEU B 267 -23.64 -4.85 -10.62
C LEU B 267 -23.52 -5.82 -9.45
N PHE B 268 -23.84 -7.09 -9.71
CA PHE B 268 -23.76 -8.14 -8.70
C PHE B 268 -22.32 -8.19 -8.17
N ALA B 269 -21.35 -8.20 -9.09
CA ALA B 269 -19.94 -8.32 -8.71
C ALA B 269 -19.52 -7.13 -7.88
N GLY B 270 -20.01 -5.95 -8.24
CA GLY B 270 -19.63 -4.72 -7.55
C GLY B 270 -20.10 -4.67 -6.12
N VAL B 271 -21.39 -4.91 -5.90
CA VAL B 271 -21.96 -4.81 -4.55
C VAL B 271 -21.30 -5.80 -3.63
N ILE B 272 -21.21 -7.05 -4.07
CA ILE B 272 -20.70 -8.09 -3.19
C ILE B 272 -19.18 -8.03 -3.11
N GLY B 273 -18.53 -7.87 -4.25
CA GLY B 273 -17.07 -7.86 -4.31
C GLY B 273 -16.40 -6.70 -3.61
N TYR B 274 -17.08 -5.57 -3.57
CA TYR B 274 -16.50 -4.41 -2.90
C TYR B 274 -17.02 -4.30 -1.47
N HIS B 275 -18.00 -5.13 -1.09
CA HIS B 275 -18.67 -5.01 0.22
C HIS B 275 -19.29 -3.63 0.33
N GLY B 276 -20.15 -3.31 -0.63
CA GLY B 276 -20.70 -1.97 -0.72
C GLY B 276 -21.52 -1.59 0.50
N PHE B 277 -22.20 -2.56 1.11
CA PHE B 277 -23.04 -2.27 2.29
C PHE B 277 -22.61 -3.09 3.50
N THR B 278 -23.00 -2.67 4.70
CA THR B 278 -22.60 -3.41 5.89
C THR B 278 -23.44 -4.64 6.15
N ASP B 279 -24.61 -4.72 5.50
CA ASP B 279 -25.50 -5.86 5.69
C ASP B 279 -26.23 -6.15 4.40
N GLY B 280 -26.52 -7.40 4.13
CA GLY B 280 -27.38 -7.76 3.00
C GLY B 280 -26.76 -7.58 1.62
N ASN B 281 -25.44 -7.59 1.52
CA ASN B 281 -24.81 -7.50 0.21
C ASN B 281 -25.28 -8.60 -0.71
N GLY B 282 -25.46 -9.81 -0.20
CA GLY B 282 -25.83 -10.90 -1.08
C GLY B 282 -27.21 -10.68 -1.70
N ARG B 283 -28.23 -10.40 -0.88
CA ARG B 283 -29.56 -10.14 -1.44
C ARG B 283 -29.55 -8.94 -2.35
N MET B 284 -28.80 -7.90 -1.97
CA MET B 284 -28.75 -6.67 -2.76
C MET B 284 -28.13 -6.95 -4.13
N GLY B 285 -27.02 -7.68 -4.13
CA GLY B 285 -26.38 -8.07 -5.38
C GLY B 285 -27.31 -8.85 -6.30
N ARG B 286 -28.01 -9.82 -5.73
CA ARG B 286 -28.98 -10.59 -6.49
C ARG B 286 -30.17 -9.77 -6.96
N MET B 287 -30.63 -8.85 -6.12
CA MET B 287 -31.73 -7.98 -6.50
C MET B 287 -31.27 -7.18 -7.71
N LEU B 288 -30.07 -6.59 -7.68
CA LEU B 288 -29.64 -5.77 -8.83
C LEU B 288 -29.43 -6.60 -10.10
N TYR B 289 -28.85 -7.78 -9.94
CA TYR B 289 -28.72 -8.73 -11.07
C TYR B 289 -30.07 -8.99 -11.68
N ALA B 290 -31.06 -9.28 -10.84
CA ALA B 290 -32.40 -9.61 -11.33
C ALA B 290 -33.05 -8.43 -12.01
N ILE B 291 -32.93 -7.26 -11.41
CA ILE B 291 -33.58 -6.10 -11.98
C ILE B 291 -33.00 -5.84 -13.36
N ALA B 292 -31.67 -5.93 -13.48
CA ALA B 292 -31.04 -5.66 -14.78
C ALA B 292 -31.49 -6.69 -15.78
N GLU B 293 -31.58 -7.94 -15.35
CA GLU B 293 -32.09 -8.99 -16.25
C GLU B 293 -33.52 -8.72 -16.73
N LEU B 294 -34.42 -8.47 -15.79
CA LEU B 294 -35.84 -8.25 -16.11
C LEU B 294 -35.99 -7.03 -17.03
N ARG B 295 -35.14 -6.02 -16.86
CA ARG B 295 -35.21 -4.86 -17.74
C ARG B 295 -34.74 -5.19 -19.14
N ASN B 296 -33.99 -6.26 -19.26
CA ASN B 296 -33.52 -6.73 -20.57
C ASN B 296 -34.41 -7.89 -21.06
N ASP B 297 -35.62 -7.97 -20.48
CA ASP B 297 -36.65 -8.97 -20.85
C ASP B 297 -36.17 -10.40 -20.70
N SER B 298 -35.48 -10.70 -19.60
CA SER B 298 -34.98 -12.05 -19.40
C SER B 298 -34.85 -12.38 -17.92
N PHE B 299 -34.52 -13.62 -17.63
CA PHE B 299 -33.98 -13.93 -16.33
C PHE B 299 -33.27 -15.26 -16.35
N ASN B 300 -31.96 -15.22 -16.15
CA ASN B 300 -31.13 -16.41 -16.12
C ASN B 300 -30.49 -16.55 -14.74
N PRO B 301 -30.95 -17.54 -13.94
CA PRO B 301 -30.44 -17.62 -12.56
C PRO B 301 -28.98 -18.04 -12.54
N LEU B 302 -28.16 -17.30 -11.80
CA LEU B 302 -26.73 -17.62 -11.67
C LEU B 302 -26.51 -18.89 -10.85
N ALA B 303 -25.66 -19.78 -11.36
CA ALA B 303 -25.19 -20.90 -10.56
C ALA B 303 -24.21 -20.35 -9.52
N MET B 304 -24.03 -21.08 -8.44
CA MET B 304 -23.08 -20.64 -7.41
C MET B 304 -21.68 -20.39 -7.96
N ASN B 305 -21.20 -21.29 -8.82
CA ASN B 305 -19.87 -21.14 -9.41
C ASN B 305 -19.77 -19.82 -10.17
N ALA B 306 -20.86 -19.41 -10.80
CA ALA B 306 -20.90 -18.14 -11.51
C ALA B 306 -20.82 -17.00 -10.49
N GLU B 307 -21.61 -17.09 -9.42
CA GLU B 307 -21.61 -16.03 -8.40
C GLU B 307 -20.21 -15.83 -7.88
N ASN B 308 -19.55 -16.94 -7.56
CA ASN B 308 -18.22 -16.87 -7.01
C ASN B 308 -17.23 -16.28 -8.00
N SER B 309 -17.35 -16.64 -9.27
CA SER B 309 -16.39 -16.15 -10.24
C SER B 309 -16.57 -14.64 -10.40
N LEU B 310 -17.81 -14.19 -10.25
CA LEU B 310 -18.10 -12.77 -10.39
C LEU B 310 -17.61 -11.95 -9.22
N HIS B 311 -18.03 -12.24 -7.99
CA HIS B 311 -17.66 -11.30 -6.88
C HIS B 311 -16.23 -11.52 -6.39
N GLY B 312 -15.69 -12.69 -6.63
CA GLY B 312 -14.29 -12.91 -6.32
C GLY B 312 -14.04 -13.10 -4.84
N ILE B 313 -15.12 -13.17 -4.06
CA ILE B 313 -14.97 -13.45 -2.63
C ILE B 313 -15.03 -14.96 -2.40
#